data_5SR7
#
_entry.id   5SR7
#
_cell.length_a   88.896
_cell.length_b   88.896
_cell.length_c   39.453
_cell.angle_alpha   90.000
_cell.angle_beta   90.000
_cell.angle_gamma   90.000
#
_symmetry.space_group_name_H-M   'P 43'
#
loop_
_entity.id
_entity.type
_entity.pdbx_description
1 polymer 'Non-structural protein 3'
2 non-polymer '(1S,6R,7S)-3-(7-fluoro-9H-pyrimido[4,5-b]indol-4-yl)-3-azabicyclo[4.1.0]heptane-7-carboxylic acid'
3 non-polymer '(1R,6S,7R)-3-(7-fluoro-9H-pyrimido[4,5-b]indol-4-yl)-3-azabicyclo[4.1.0]heptane-7-carboxylic acid'
4 water water
#
_entity_poly.entity_id   1
_entity_poly.type   'polypeptide(L)'
_entity_poly.pdbx_seq_one_letter_code
;SMVNSFSGYLKLTDNVYIKNADIVEEAKKVKPTVVVNAANVYLKHGGGVAGALNKATNNAMQVESDDYIATNGPLKVGGS
CVLSGHNLAKHCLHVVGPNVNKGEDIQLLKSAYENFNQHEVLLAPLLSAGIFGADPIHSLRVCVDTVRTNVYLAVFDKNL
YDKLVSSFL
;
_entity_poly.pdbx_strand_id   A,B
#
# COMPACT_ATOMS: atom_id res chain seq x y z
N VAL A 3 -15.88 19.32 -1.07
CA VAL A 3 -17.14 18.68 -1.41
C VAL A 3 -16.96 17.77 -2.61
N ASN A 4 -17.40 16.53 -2.49
N ASN A 4 -17.35 16.50 -2.47
CA ASN A 4 -17.37 15.58 -3.59
CA ASN A 4 -17.38 15.51 -3.56
C ASN A 4 -18.78 15.03 -3.77
C ASN A 4 -18.83 15.02 -3.76
N SER A 5 -18.93 14.13 -4.74
N SER A 5 -19.01 14.07 -4.69
CA SER A 5 -20.24 13.72 -5.25
CA SER A 5 -20.32 13.66 -5.22
C SER A 5 -20.86 12.46 -4.57
C SER A 5 -20.88 12.40 -4.56
N PHE A 6 -20.19 11.82 -3.59
CA PHE A 6 -20.72 10.66 -2.88
C PHE A 6 -21.93 11.04 -2.01
N SER A 7 -22.98 10.20 -2.04
CA SER A 7 -24.27 10.54 -1.41
C SER A 7 -24.79 9.40 -0.54
N GLY A 8 -25.43 9.74 0.59
CA GLY A 8 -26.08 8.74 1.41
C GLY A 8 -25.12 8.00 2.29
N TYR A 9 -23.84 8.46 2.38
N TYR A 9 -23.92 8.50 2.48
CA TYR A 9 -22.87 7.75 3.22
CA TYR A 9 -22.91 7.81 3.28
C TYR A 9 -23.07 8.12 4.70
C TYR A 9 -23.03 8.16 4.76
N LEU A 10 -22.81 7.15 5.56
N LEU A 10 -22.84 7.14 5.59
CA LEU A 10 -22.66 7.41 7.00
CA LEU A 10 -22.83 7.27 7.03
C LEU A 10 -21.19 7.65 7.30
C LEU A 10 -21.38 7.43 7.46
N LYS A 11 -20.91 8.68 8.09
N LYS A 11 -21.06 8.56 8.11
CA LYS A 11 -19.53 9.05 8.44
CA LYS A 11 -19.69 8.88 8.50
C LYS A 11 -19.12 8.28 9.71
C LYS A 11 -19.28 8.03 9.70
N LEU A 12 -18.12 7.38 9.61
CA LEU A 12 -17.61 6.61 10.75
C LEU A 12 -16.50 7.35 11.49
N THR A 13 -15.60 8.01 10.74
CA THR A 13 -14.48 8.75 11.31
C THR A 13 -14.25 10.02 10.49
N ASP A 14 -13.17 10.72 10.82
CA ASP A 14 -12.78 11.90 10.06
C ASP A 14 -12.72 11.60 8.57
N ASN A 15 -12.23 10.40 8.20
CA ASN A 15 -11.92 10.13 6.79
C ASN A 15 -12.60 8.88 6.21
N VAL A 16 -13.34 8.10 7.00
CA VAL A 16 -13.97 6.86 6.55
C VAL A 16 -15.49 7.01 6.58
N TYR A 17 -16.12 6.64 5.46
CA TYR A 17 -17.56 6.69 5.23
C TYR A 17 -18.03 5.32 4.77
N ILE A 18 -19.30 4.97 5.02
CA ILE A 18 -19.82 3.63 4.71
C ILE A 18 -21.27 3.73 4.24
N LYS A 19 -21.64 2.83 3.32
CA LYS A 19 -22.98 2.81 2.72
C LYS A 19 -23.33 1.39 2.32
N ASN A 20 -24.61 1.09 2.33
N ASN A 20 -24.63 1.05 2.47
CA ASN A 20 -25.07 -0.13 1.70
CA ASN A 20 -25.13 -0.26 2.07
C ASN A 20 -25.28 0.16 0.22
C ASN A 20 -25.40 -0.19 0.58
N ALA A 21 -24.38 -0.35 -0.63
N ALA A 21 -24.42 -0.59 -0.22
CA ALA A 21 -24.47 -0.07 -2.06
CA ALA A 21 -24.52 -0.41 -1.66
C ALA A 21 -23.75 -1.17 -2.83
C ALA A 21 -23.65 -1.43 -2.38
N ASP A 22 -24.17 -1.32 -4.09
N ASP A 22 -24.02 -1.69 -3.64
CA ASP A 22 -23.46 -2.13 -5.07
CA ASP A 22 -23.21 -2.51 -4.54
C ASP A 22 -22.36 -1.28 -5.67
C ASP A 22 -22.17 -1.59 -5.19
N ILE A 23 -21.09 -1.67 -5.44
N ILE A 23 -20.88 -1.89 -4.98
CA ILE A 23 -19.96 -0.85 -5.87
CA ILE A 23 -19.81 -1.03 -5.50
C ILE A 23 -20.00 -0.59 -7.37
C ILE A 23 -19.93 -0.83 -7.02
N VAL A 24 -20.52 -1.54 -8.15
N VAL A 24 -20.40 -1.85 -7.76
CA VAL A 24 -20.63 -1.35 -9.59
CA VAL A 24 -20.56 -1.72 -9.21
C VAL A 24 -21.58 -0.19 -9.91
C VAL A 24 -21.57 -0.61 -9.55
N GLU A 25 -22.75 -0.19 -9.26
N GLU A 25 -22.75 -0.64 -8.91
CA GLU A 25 -23.73 0.86 -9.49
CA GLU A 25 -23.78 0.36 -9.16
C GLU A 25 -23.30 2.19 -8.89
C GLU A 25 -23.33 1.75 -8.73
N GLU A 26 -22.59 2.14 -7.77
N GLU A 26 -22.65 1.83 -7.58
CA GLU A 26 -22.05 3.35 -7.20
CA GLU A 26 -22.12 3.08 -7.07
C GLU A 26 -20.96 3.83 -8.08
C GLU A 26 -21.10 3.71 -8.03
N ALA A 27 -20.17 2.90 -8.58
CA ALA A 27 -19.15 3.38 -9.51
C ALA A 27 -19.79 4.00 -10.75
N LYS A 28 -20.74 3.36 -11.40
N LYS A 28 -20.79 3.28 -11.31
CA LYS A 28 -21.23 3.97 -12.65
CA LYS A 28 -21.51 3.72 -12.50
C LYS A 28 -21.87 5.34 -12.45
C LYS A 28 -22.21 5.06 -12.28
N LYS A 29 -22.36 5.66 -11.26
N LYS A 29 -22.70 5.31 -11.07
CA LYS A 29 -23.04 6.93 -10.98
CA LYS A 29 -23.39 6.56 -10.75
C LYS A 29 -22.08 8.04 -10.57
C LYS A 29 -22.41 7.70 -10.47
N VAL A 30 -21.06 7.73 -9.78
N VAL A 30 -21.38 7.45 -9.66
CA VAL A 30 -20.13 8.75 -9.32
CA VAL A 30 -20.45 8.49 -9.22
C VAL A 30 -19.01 9.00 -10.32
C VAL A 30 -19.35 8.74 -10.25
N LYS A 31 -18.59 7.97 -11.04
N LYS A 31 -18.84 7.69 -10.90
CA LYS A 31 -17.42 8.02 -11.90
CA LYS A 31 -17.66 7.78 -11.76
C LYS A 31 -16.31 8.46 -11.00
C LYS A 31 -16.50 8.40 -10.99
N PRO A 32 -16.07 7.76 -9.89
CA PRO A 32 -15.03 8.29 -9.01
C PRO A 32 -13.69 8.26 -9.72
N THR A 33 -12.76 9.07 -9.21
CA THR A 33 -11.38 9.04 -9.70
C THR A 33 -10.78 7.64 -9.55
N VAL A 34 -11.03 6.99 -8.41
CA VAL A 34 -10.48 5.67 -8.12
C VAL A 34 -11.57 4.76 -7.56
N VAL A 35 -11.77 3.61 -8.19
CA VAL A 35 -12.51 2.48 -7.62
C VAL A 35 -11.49 1.39 -7.29
N VAL A 36 -11.62 0.80 -6.09
CA VAL A 36 -10.76 -0.29 -5.67
C VAL A 36 -11.40 -1.62 -6.06
N ASN A 37 -10.60 -2.49 -6.66
CA ASN A 37 -10.99 -3.88 -6.89
C ASN A 37 -10.36 -4.78 -5.84
N ALA A 38 -11.13 -5.76 -5.40
CA ALA A 38 -10.67 -6.85 -4.52
C ALA A 38 -10.05 -7.91 -5.40
N ALA A 39 -8.78 -7.68 -5.78
CA ALA A 39 -8.09 -8.51 -6.75
C ALA A 39 -7.36 -9.68 -6.10
N ASN A 40 -7.00 -10.66 -6.93
CA ASN A 40 -6.01 -11.67 -6.57
C ASN A 40 -4.72 -11.39 -7.33
N VAL A 41 -3.66 -12.11 -6.96
CA VAL A 41 -2.32 -11.81 -7.51
C VAL A 41 -2.24 -12.00 -9.01
N TYR A 42 -3.12 -12.81 -9.58
CA TYR A 42 -3.12 -13.10 -11.02
C TYR A 42 -4.04 -12.17 -11.80
N LEU A 43 -4.71 -11.25 -11.10
CA LEU A 43 -5.74 -10.41 -11.70
C LEU A 43 -6.74 -11.22 -12.53
N LYS A 44 -7.11 -12.39 -12.00
CA LYS A 44 -8.16 -13.22 -12.58
C LYS A 44 -9.48 -12.83 -11.93
N HIS A 45 -10.30 -12.03 -12.65
N HIS A 45 -10.32 -12.10 -12.66
CA HIS A 45 -11.46 -11.37 -12.06
CA HIS A 45 -11.58 -11.53 -12.15
C HIS A 45 -12.71 -12.26 -12.24
C HIS A 45 -12.76 -12.46 -12.48
N GLY A 46 -12.73 -13.35 -11.49
N GLY A 46 -12.76 -13.64 -11.85
CA GLY A 46 -13.73 -14.37 -11.75
CA GLY A 46 -13.79 -14.64 -12.09
C GLY A 46 -15.02 -14.25 -10.96
C GLY A 46 -15.09 -14.45 -11.33
N GLY A 47 -14.95 -13.69 -9.76
N GLY A 47 -15.03 -13.99 -10.08
CA GLY A 47 -16.11 -13.64 -8.90
CA GLY A 47 -16.24 -13.80 -9.28
C GLY A 47 -15.93 -12.62 -7.80
C GLY A 47 -16.06 -12.75 -8.20
N GLY A 48 -16.91 -12.55 -6.92
N GLY A 48 -17.12 -12.55 -7.40
CA GLY A 48 -16.91 -11.52 -5.92
CA GLY A 48 -17.10 -11.52 -6.34
C GLY A 48 -16.99 -10.15 -6.54
C GLY A 48 -17.04 -10.11 -6.91
N VAL A 49 -16.40 -9.17 -5.85
N VAL A 49 -16.49 -9.17 -6.12
CA VAL A 49 -16.30 -7.81 -6.36
CA VAL A 49 -16.34 -7.78 -6.61
C VAL A 49 -15.61 -7.78 -7.71
C VAL A 49 -15.63 -7.79 -7.96
N ALA A 50 -14.50 -8.50 -7.85
N ALA A 50 -14.49 -8.48 -8.02
CA ALA A 50 -13.72 -8.43 -9.08
CA ALA A 50 -13.68 -8.52 -9.23
C ALA A 50 -14.53 -8.95 -10.27
C ALA A 50 -14.50 -8.99 -10.43
N GLY A 51 -15.20 -10.07 -10.10
N GLY A 51 -15.18 -10.14 -10.29
CA GLY A 51 -16.02 -10.58 -11.20
CA GLY A 51 -15.99 -10.65 -11.39
C GLY A 51 -17.16 -9.66 -11.56
C GLY A 51 -17.13 -9.71 -11.75
N ALA A 52 -17.74 -8.97 -10.57
N ALA A 52 -17.75 -9.09 -10.74
CA ALA A 52 -18.80 -8.02 -10.85
CA ALA A 52 -18.83 -8.13 -10.96
C ALA A 52 -18.28 -6.82 -11.58
C ALA A 52 -18.33 -6.83 -11.56
N LEU A 53 -17.18 -6.29 -11.06
CA LEU A 53 -16.60 -5.12 -11.72
C LEU A 53 -16.21 -5.46 -13.15
N ASN A 54 -15.55 -6.62 -13.35
CA ASN A 54 -15.11 -6.98 -14.68
C ASN A 54 -16.31 -7.16 -15.63
N LYS A 55 -17.36 -7.85 -15.17
CA LYS A 55 -18.56 -8.03 -15.98
C LYS A 55 -19.14 -6.68 -16.41
N ALA A 56 -19.13 -5.69 -15.51
CA ALA A 56 -19.66 -4.37 -15.83
C ALA A 56 -18.83 -3.67 -16.91
N THR A 57 -17.55 -4.01 -17.05
CA THR A 57 -16.71 -3.49 -18.13
C THR A 57 -16.77 -4.32 -19.40
N ASN A 58 -17.67 -5.30 -19.48
CA ASN A 58 -17.77 -6.13 -20.68
C ASN A 58 -16.46 -6.89 -20.94
N ASN A 59 -15.76 -7.25 -19.87
CA ASN A 59 -14.52 -8.05 -19.89
C ASN A 59 -13.32 -7.20 -20.30
N ALA A 60 -13.45 -5.89 -20.50
CA ALA A 60 -12.28 -5.09 -20.84
C ALA A 60 -11.27 -5.05 -19.71
N MET A 61 -11.75 -5.03 -18.46
CA MET A 61 -10.85 -5.10 -17.31
C MET A 61 -9.97 -6.35 -17.39
N GLN A 62 -10.56 -7.51 -17.68
CA GLN A 62 -9.79 -8.76 -17.78
C GLN A 62 -8.76 -8.71 -18.91
N VAL A 63 -9.14 -8.15 -20.07
CA VAL A 63 -8.21 -8.08 -21.20
C VAL A 63 -7.02 -7.21 -20.84
N GLU A 64 -7.28 -6.07 -20.22
CA GLU A 64 -6.19 -5.18 -19.79
C GLU A 64 -5.32 -5.87 -18.74
N SER A 65 -5.96 -6.57 -17.80
CA SER A 65 -5.25 -7.25 -16.72
C SER A 65 -4.34 -8.34 -17.25
N ASP A 66 -4.81 -9.11 -18.23
CA ASP A 66 -4.00 -10.19 -18.79
C ASP A 66 -2.74 -9.64 -19.44
N ASP A 67 -2.85 -8.51 -20.14
CA ASP A 67 -1.64 -7.86 -20.67
C ASP A 67 -0.72 -7.38 -19.55
N TYR A 68 -1.28 -6.83 -18.47
CA TYR A 68 -0.45 -6.40 -17.34
C TYR A 68 0.35 -7.56 -16.78
N ILE A 69 -0.31 -8.70 -16.54
CA ILE A 69 0.37 -9.87 -15.97
C ILE A 69 1.41 -10.43 -16.93
N ALA A 70 1.09 -10.48 -18.22
CA ALA A 70 2.05 -11.02 -19.19
C ALA A 70 3.33 -10.18 -19.20
N THR A 71 3.22 -8.87 -18.94
CA THR A 71 4.39 -8.00 -18.90
C THR A 71 5.11 -8.04 -17.56
N ASN A 72 4.36 -8.02 -16.45
CA ASN A 72 4.92 -7.74 -15.13
C ASN A 72 4.93 -8.93 -14.18
N GLY A 73 4.22 -10.01 -14.48
CA GLY A 73 4.05 -11.10 -13.56
C GLY A 73 3.07 -10.74 -12.46
N PRO A 74 2.83 -11.69 -11.56
CA PRO A 74 1.80 -11.51 -10.53
C PRO A 74 2.12 -10.40 -9.53
N LEU A 75 1.06 -9.86 -8.94
CA LEU A 75 1.21 -8.97 -7.80
C LEU A 75 1.65 -9.77 -6.57
N LYS A 76 2.02 -9.04 -5.51
CA LYS A 76 2.24 -9.61 -4.18
C LYS A 76 0.93 -9.55 -3.40
N VAL A 77 0.70 -10.54 -2.53
CA VAL A 77 -0.35 -10.38 -1.52
C VAL A 77 -0.01 -9.19 -0.64
N GLY A 78 -0.95 -8.26 -0.48
CA GLY A 78 -0.71 -6.98 0.17
C GLY A 78 -0.38 -5.88 -0.83
N GLY A 79 -0.14 -6.20 -2.10
CA GLY A 79 0.25 -5.22 -3.09
C GLY A 79 -0.91 -4.73 -3.95
N SER A 80 -0.57 -3.90 -4.93
CA SER A 80 -1.57 -3.28 -5.78
C SER A 80 -0.95 -2.86 -7.10
N CYS A 81 -1.82 -2.54 -8.06
CA CYS A 81 -1.44 -1.83 -9.27
C CYS A 81 -2.60 -0.94 -9.71
N VAL A 82 -2.26 0.14 -10.39
CA VAL A 82 -3.24 1.07 -10.96
C VAL A 82 -3.42 0.76 -12.43
N LEU A 83 -4.66 0.47 -12.82
CA LEU A 83 -5.00 0.26 -14.21
C LEU A 83 -6.20 1.14 -14.54
N SER A 84 -6.70 1.02 -15.77
CA SER A 84 -7.85 1.82 -16.16
C SER A 84 -9.10 1.50 -15.33
N GLY A 85 -9.93 2.51 -15.12
CA GLY A 85 -11.26 2.30 -14.56
C GLY A 85 -12.34 2.02 -15.58
N HIS A 86 -11.98 2.02 -16.86
CA HIS A 86 -12.92 1.69 -17.96
C HIS A 86 -14.14 2.60 -17.84
N ASN A 87 -15.34 2.05 -17.88
CA ASN A 87 -16.59 2.79 -17.82
C ASN A 87 -17.03 3.06 -16.39
N LEU A 88 -16.26 2.64 -15.40
CA LEU A 88 -16.67 2.73 -14.00
C LEU A 88 -16.02 3.86 -13.22
N ALA A 89 -14.82 4.30 -13.60
CA ALA A 89 -14.01 5.22 -12.82
C ALA A 89 -12.88 5.68 -13.73
N LYS A 90 -12.17 6.73 -13.32
CA LYS A 90 -10.96 7.08 -14.08
C LYS A 90 -9.94 5.95 -14.00
N HIS A 91 -9.67 5.49 -12.78
CA HIS A 91 -8.67 4.45 -12.51
C HIS A 91 -9.30 3.36 -11.66
N CYS A 92 -8.75 2.15 -11.80
CA CYS A 92 -9.04 1.07 -10.86
C CYS A 92 -7.74 0.73 -10.14
N LEU A 93 -7.78 0.81 -8.80
CA LEU A 93 -6.69 0.34 -7.97
C LEU A 93 -6.98 -1.10 -7.60
N HIS A 94 -6.25 -2.05 -8.19
CA HIS A 94 -6.41 -3.47 -7.91
C HIS A 94 -5.56 -3.77 -6.69
N VAL A 95 -6.19 -4.12 -5.57
CA VAL A 95 -5.51 -4.38 -4.31
C VAL A 95 -5.74 -5.82 -3.91
N VAL A 96 -4.65 -6.50 -3.52
CA VAL A 96 -4.71 -7.91 -3.13
C VAL A 96 -4.70 -7.99 -1.60
N GLY A 97 -5.85 -8.28 -1.00
CA GLY A 97 -5.90 -8.61 0.40
C GLY A 97 -5.58 -10.09 0.55
N PRO A 98 -5.22 -10.51 1.72
N PRO A 98 -5.10 -10.49 1.78
CA PRO A 98 -5.03 -11.94 1.93
CA PRO A 98 -4.79 -11.91 2.05
C PRO A 98 -6.35 -12.69 1.82
C PRO A 98 -6.03 -12.78 1.86
N ASN A 99 -6.30 -13.85 1.15
N ASN A 99 -5.82 -13.98 1.35
CA ASN A 99 -7.45 -14.73 0.99
CA ASN A 99 -6.87 -14.98 1.27
C ASN A 99 -7.35 -15.82 2.05
C ASN A 99 -6.74 -15.96 2.45
N VAL A 100 -8.21 -15.74 3.07
N VAL A 100 -7.66 -15.85 3.41
CA VAL A 100 -8.18 -16.71 4.16
CA VAL A 100 -7.66 -16.73 4.60
C VAL A 100 -8.45 -18.11 3.62
C VAL A 100 -7.79 -18.17 4.15
N ASN A 101 -9.27 -18.23 2.58
N ASN A 101 -8.59 -18.40 3.10
CA ASN A 101 -9.54 -19.53 1.98
CA ASN A 101 -8.86 -19.72 2.55
C ASN A 101 -8.34 -20.07 1.19
C ASN A 101 -7.64 -20.32 1.84
N LYS A 102 -7.24 -19.32 1.11
N LYS A 102 -6.64 -19.50 1.51
CA LYS A 102 -5.96 -19.84 0.62
CA LYS A 102 -5.35 -19.97 0.99
C LYS A 102 -4.92 -19.97 1.72
C LYS A 102 -4.27 -19.95 2.06
N GLY A 103 -5.24 -19.61 2.97
N GLY A 103 -4.64 -19.73 3.32
CA GLY A 103 -4.30 -19.70 4.06
CA GLY A 103 -3.71 -19.70 4.44
C GLY A 103 -3.34 -18.53 4.17
C GLY A 103 -2.79 -18.50 4.44
N GLU A 104 -3.66 -17.38 3.59
N GLU A 104 -3.20 -17.41 3.81
CA GLU A 104 -2.74 -16.25 3.59
CA GLU A 104 -2.38 -16.21 3.64
C GLU A 104 -2.82 -15.49 4.90
C GLU A 104 -2.49 -15.29 4.87
N ASP A 105 -1.71 -14.85 5.27
N ASP A 105 -1.32 -14.94 5.43
CA ASP A 105 -1.56 -14.25 6.59
CA ASP A 105 -1.14 -14.09 6.60
C ASP A 105 -2.42 -12.99 6.70
C ASP A 105 -2.13 -12.92 6.70
N ILE A 106 -3.32 -12.97 7.68
N ILE A 106 -3.01 -12.96 7.72
CA ILE A 106 -4.25 -11.86 7.83
CA ILE A 106 -4.02 -11.92 7.91
C ILE A 106 -3.54 -10.56 8.16
C ILE A 106 -3.38 -10.55 8.20
N GLN A 107 -2.33 -10.64 8.73
N GLN A 107 -2.12 -10.52 8.66
CA GLN A 107 -1.57 -9.43 9.00
CA GLN A 107 -1.38 -9.27 8.88
C GLN A 107 -1.27 -8.66 7.73
C GLN A 107 -1.15 -8.51 7.59
N LEU A 108 -1.29 -9.33 6.57
N LEU A 108 -1.13 -9.20 6.45
CA LEU A 108 -1.09 -8.63 5.31
CA LEU A 108 -1.04 -8.55 5.15
C LEU A 108 -2.23 -7.70 4.97
C LEU A 108 -2.29 -7.74 4.84
N LEU A 109 -3.34 -7.79 5.69
CA LEU A 109 -4.47 -6.92 5.45
C LEU A 109 -4.10 -5.46 5.67
N LYS A 110 -3.29 -5.18 6.70
CA LYS A 110 -2.86 -3.80 6.90
C LYS A 110 -2.04 -3.30 5.71
N SER A 111 -1.09 -4.11 5.23
CA SER A 111 -0.30 -3.74 4.06
C SER A 111 -1.20 -3.45 2.86
N ALA A 112 -2.22 -4.27 2.66
CA ALA A 112 -3.15 -4.06 1.56
C ALA A 112 -3.83 -2.69 1.67
N TYR A 113 -4.35 -2.35 2.85
CA TYR A 113 -5.01 -1.06 3.02
C TYR A 113 -4.05 0.11 2.86
N GLU A 114 -2.75 -0.08 3.17
CA GLU A 114 -1.79 1.02 3.01
C GLU A 114 -1.75 1.53 1.57
N ASN A 115 -2.06 0.68 0.58
CA ASN A 115 -2.09 1.16 -0.80
C ASN A 115 -3.09 2.28 -0.99
N PHE A 116 -4.16 2.31 -0.19
CA PHE A 116 -5.18 3.36 -0.35
C PHE A 116 -4.60 4.75 -0.08
N ASN A 117 -3.55 4.83 0.74
CA ASN A 117 -3.02 6.13 1.14
C ASN A 117 -2.33 6.87 0.00
N GLN A 118 -2.07 6.20 -1.12
CA GLN A 118 -1.51 6.85 -2.29
C GLN A 118 -2.56 7.59 -3.11
N HIS A 119 -3.82 7.61 -2.66
CA HIS A 119 -4.92 8.21 -3.41
C HIS A 119 -5.78 9.05 -2.47
N GLU A 120 -6.05 10.29 -2.86
CA GLU A 120 -6.73 11.23 -1.97
C GLU A 120 -8.15 10.80 -1.63
N VAL A 121 -8.87 10.21 -2.60
CA VAL A 121 -10.25 9.77 -2.42
C VAL A 121 -10.47 8.47 -3.18
N LEU A 122 -11.15 7.51 -2.55
CA LEU A 122 -11.42 6.21 -3.18
C LEU A 122 -12.81 5.71 -2.84
N LEU A 123 -13.42 5.01 -3.80
CA LEU A 123 -14.57 4.15 -3.58
C LEU A 123 -14.05 2.72 -3.45
N ALA A 124 -14.40 2.04 -2.37
CA ALA A 124 -13.76 0.76 -2.13
C ALA A 124 -14.69 -0.24 -1.48
N PRO A 125 -14.41 -1.52 -1.69
N PRO A 125 -14.45 -1.52 -1.63
CA PRO A 125 -14.99 -2.56 -0.88
CA PRO A 125 -15.19 -2.54 -0.88
C PRO A 125 -14.10 -2.82 0.33
C PRO A 125 -14.43 -2.88 0.39
N LEU A 126 -14.64 -3.53 1.28
N LEU A 126 -14.98 -3.74 1.24
CA LEU A 126 -13.85 -4.00 2.41
CA LEU A 126 -14.27 -4.26 2.41
C LEU A 126 -12.91 -5.12 1.96
C LEU A 126 -13.32 -5.39 1.98
N LEU A 127 -11.61 -4.86 2.09
N LEU A 127 -12.00 -5.19 2.13
CA LEU A 127 -10.62 -5.82 1.62
CA LEU A 127 -11.02 -6.17 1.64
C LEU A 127 -10.69 -7.12 2.41
C LEU A 127 -11.02 -7.41 2.54
N SER A 128 -10.49 -8.21 1.71
N SER A 128 -10.70 -8.58 1.95
CA SER A 128 -10.49 -9.57 2.25
CA SER A 128 -10.76 -9.86 2.66
C SER A 128 -11.85 -10.05 2.76
C SER A 128 -12.11 -10.04 3.36
N ALA A 129 -12.92 -9.25 2.57
N ALA A 129 -13.19 -10.06 2.57
CA ALA A 129 -14.27 -9.66 2.91
CA ALA A 129 -14.54 -10.26 3.10
C ALA A 129 -14.84 -10.61 1.85
C ALA A 129 -15.28 -11.32 2.28
N GLY A 130 -16.11 -10.96 1.98
N GLY A 130 -16.19 -10.86 1.41
CA GLY A 130 -16.76 -11.75 0.95
CA GLY A 130 -17.00 -11.64 0.49
C GLY A 130 -16.03 -13.08 0.76
C GLY A 130 -16.50 -13.05 0.26
N ILE A 131 -15.82 -13.43 -0.51
N ILE A 131 -15.72 -13.29 -0.80
CA ILE A 131 -15.19 -14.71 -0.84
CA ILE A 131 -15.24 -14.65 -1.03
C ILE A 131 -13.74 -14.83 -0.41
C ILE A 131 -13.82 -14.87 -0.52
N PHE A 132 -13.11 -13.72 0.01
N PHE A 132 -13.23 -13.88 0.15
CA PHE A 132 -11.75 -13.80 0.53
CA PHE A 132 -11.87 -14.04 0.67
C PHE A 132 -11.69 -14.31 1.98
C PHE A 132 -11.85 -14.62 2.08
N GLY A 133 -12.84 -14.41 2.65
N GLY A 133 -13.01 -15.01 2.63
CA GLY A 133 -12.92 -15.20 3.86
CA GLY A 133 -13.13 -15.79 3.85
C GLY A 133 -12.57 -14.53 5.17
C GLY A 133 -12.72 -15.14 5.15
N ALA A 134 -12.20 -13.25 5.16
N ALA A 134 -12.46 -13.84 5.18
CA ALA A 134 -11.91 -12.58 6.42
CA ALA A 134 -12.15 -13.22 6.47
C ALA A 134 -13.20 -12.08 7.08
C ALA A 134 -13.32 -12.39 7.01
N ASP A 135 -13.08 -11.73 8.36
N ASP A 135 -13.31 -12.20 8.33
CA ASP A 135 -14.18 -11.12 9.10
CA ASP A 135 -14.39 -11.51 9.07
C ASP A 135 -14.33 -9.67 8.68
C ASP A 135 -14.50 -10.06 8.62
N PRO A 136 -15.45 -9.28 8.06
N PRO A 136 -15.65 -9.63 8.08
CA PRO A 136 -15.58 -7.88 7.60
CA PRO A 136 -15.81 -8.22 7.64
C PRO A 136 -15.49 -6.86 8.74
C PRO A 136 -15.65 -7.20 8.78
N ILE A 137 -15.92 -7.21 9.94
N ILE A 137 -15.87 -7.59 10.04
CA ILE A 137 -15.75 -6.29 11.08
CA ILE A 137 -15.81 -6.66 11.18
C ILE A 137 -14.25 -6.05 11.35
C ILE A 137 -14.36 -6.18 11.42
N HIS A 138 -13.41 -7.12 11.37
CA HIS A 138 -11.97 -6.88 11.49
C HIS A 138 -11.43 -6.05 10.32
N SER A 139 -11.89 -6.35 9.10
CA SER A 139 -11.44 -5.58 7.95
C SER A 139 -11.78 -4.10 8.11
N LEU A 140 -12.98 -3.79 8.60
CA LEU A 140 -13.33 -2.39 8.83
C LEU A 140 -12.41 -1.74 9.86
N ARG A 141 -12.11 -2.46 10.95
CA ARG A 141 -11.21 -1.92 11.97
C ARG A 141 -9.83 -1.60 11.38
N VAL A 142 -9.29 -2.53 10.61
CA VAL A 142 -7.97 -2.30 9.98
C VAL A 142 -8.05 -1.12 9.01
N CYS A 143 -9.14 -1.03 8.25
CA CYS A 143 -9.30 0.10 7.34
C CYS A 143 -9.22 1.42 8.11
N VAL A 144 -10.02 1.54 9.17
CA VAL A 144 -10.10 2.78 9.94
C VAL A 144 -8.76 3.12 10.56
N ASP A 145 -8.02 2.11 11.01
CA ASP A 145 -6.75 2.31 11.68
C ASP A 145 -5.56 2.42 10.73
N THR A 146 -5.77 2.31 9.43
CA THR A 146 -4.68 2.29 8.45
C THR A 146 -4.80 3.37 7.38
N VAL A 147 -6.00 3.56 6.85
CA VAL A 147 -6.22 4.50 5.77
C VAL A 147 -6.41 5.89 6.37
N ARG A 148 -5.65 6.85 5.84
CA ARG A 148 -5.71 8.26 6.22
C ARG A 148 -6.35 9.14 5.16
N THR A 149 -6.45 8.66 3.92
CA THR A 149 -7.12 9.38 2.86
C THR A 149 -8.62 9.10 2.95
N ASN A 150 -9.40 9.75 2.10
CA ASN A 150 -10.87 9.70 2.21
C ASN A 150 -11.40 8.48 1.48
N VAL A 151 -11.97 7.55 2.23
CA VAL A 151 -12.44 6.29 1.70
C VAL A 151 -13.95 6.14 1.91
N TYR A 152 -14.63 5.83 0.83
CA TYR A 152 -16.07 5.59 0.76
C TYR A 152 -16.27 4.09 0.54
N LEU A 153 -16.68 3.39 1.60
CA LEU A 153 -16.85 1.95 1.59
C LEU A 153 -18.26 1.57 1.16
N ALA A 154 -18.32 0.80 0.06
N ALA A 154 -18.39 0.73 0.14
CA ALA A 154 -19.57 0.23 -0.44
CA ALA A 154 -19.70 0.22 -0.29
C ALA A 154 -19.67 -1.19 0.08
C ALA A 154 -19.84 -1.21 0.24
N VAL A 155 -20.77 -1.49 0.77
N VAL A 155 -20.80 -1.42 1.14
CA VAL A 155 -21.03 -2.81 1.32
CA VAL A 155 -21.04 -2.75 1.73
C VAL A 155 -22.30 -3.35 0.66
C VAL A 155 -22.30 -3.35 1.11
N PHE A 156 -22.15 -4.41 -0.13
N PHE A 156 -22.12 -4.50 0.45
CA PHE A 156 -23.26 -4.90 -0.94
CA PHE A 156 -23.17 -5.13 -0.38
C PHE A 156 -24.40 -5.43 -0.08
C PHE A 156 -24.29 -5.74 0.46
N ASP A 157 -24.08 -6.16 0.98
N ASP A 157 -23.94 -6.52 1.49
CA ASP A 157 -25.09 -6.87 1.77
CA ASP A 157 -24.90 -7.24 2.33
C ASP A 157 -25.67 -5.95 2.84
C ASP A 157 -25.54 -6.27 3.34
N LYS A 158 -26.99 -5.70 2.77
N LYS A 158 -26.86 -6.04 3.22
CA LYS A 158 -27.63 -4.81 3.73
CA LYS A 158 -27.54 -5.11 4.13
C LYS A 158 -27.49 -5.34 5.16
C LYS A 158 -27.42 -5.60 5.57
N ASN A 159 -27.69 -6.64 5.35
N ASN A 159 -27.62 -6.90 5.77
CA ASN A 159 -27.54 -7.23 6.68
CA ASN A 159 -27.44 -7.49 7.07
C ASN A 159 -26.15 -6.99 7.23
C ASN A 159 -26.05 -7.21 7.64
N LEU A 160 -25.11 -7.19 6.40
N LEU A 160 -25.03 -7.33 6.79
CA LEU A 160 -23.75 -7.02 6.88
CA LEU A 160 -23.66 -7.06 7.22
C LEU A 160 -23.47 -5.61 7.33
C LEU A 160 -23.45 -5.56 7.46
N TYR A 161 -23.94 -4.70 6.55
CA TYR A 161 -23.82 -3.28 6.76
C TYR A 161 -24.37 -2.88 8.10
N ASP A 162 -25.64 -3.17 8.26
N ASP A 162 -25.56 -3.38 8.47
CA ASP A 162 -26.26 -2.83 9.52
CA ASP A 162 -26.15 -3.03 9.77
C ASP A 162 -25.45 -3.41 10.69
C ASP A 162 -25.29 -3.52 10.95
N LYS A 163 -24.83 -4.57 10.48
N LYS A 163 -24.74 -4.74 10.83
CA LYS A 163 -23.96 -5.13 11.52
CA LYS A 163 -23.87 -5.27 11.89
C LYS A 163 -22.67 -4.32 11.65
C LYS A 163 -22.58 -4.47 12.02
N LEU A 164 -22.08 -3.90 10.53
N LEU A 164 -22.02 -4.03 10.89
CA LEU A 164 -20.84 -3.12 10.59
CA LEU A 164 -20.79 -3.23 10.91
C LEU A 164 -21.07 -1.80 11.31
C LEU A 164 -21.01 -1.90 11.62
N VAL A 165 -22.16 -1.11 10.98
N VAL A 165 -22.11 -1.21 11.29
CA VAL A 165 -22.46 0.17 11.62
CA VAL A 165 -22.45 0.06 11.93
C VAL A 165 -22.73 -0.05 13.11
C VAL A 165 -22.72 -0.14 13.42
N SER A 166 -23.60 -1.01 13.44
N SER A 166 -23.57 -1.11 13.76
CA SER A 166 -24.06 -1.17 14.81
CA SER A 166 -24.00 -1.28 15.15
C SER A 166 -22.96 -1.64 15.74
C SER A 166 -22.83 -1.64 16.06
N SER A 167 -21.92 -2.28 15.21
N SER A 167 -21.83 -2.37 15.54
CA SER A 167 -20.81 -2.76 16.03
CA SER A 167 -20.72 -2.86 16.35
C SER A 167 -19.58 -1.86 15.98
C SER A 167 -19.50 -1.95 16.27
N PHE A 168 -19.64 -0.75 15.25
N PHE A 168 -19.58 -0.83 15.54
CA PHE A 168 -18.45 0.06 15.06
CA PHE A 168 -18.41 0.02 15.33
C PHE A 168 -18.09 0.81 16.33
C PHE A 168 -18.04 0.75 16.61
N LEU A 169 -16.83 0.70 16.75
N LEU A 169 -16.77 0.67 16.99
CA LEU A 169 -16.36 1.43 17.92
CA LEU A 169 -16.30 1.39 18.17
C LEU A 169 -15.74 2.75 17.51
C LEU A 169 -15.66 2.71 17.75
N SER B 1 25.52 -19.04 -2.31
CA SER B 1 25.71 -17.56 -2.28
C SER B 1 25.11 -16.86 -1.05
N MET B 2 25.77 -15.78 -0.62
N MET B 2 25.74 -15.77 -0.70
CA MET B 2 25.36 -14.98 0.52
CA MET B 2 25.43 -14.96 0.46
C MET B 2 24.67 -13.72 0.01
C MET B 2 24.70 -13.69 0.01
N VAL B 3 23.40 -13.60 0.32
CA VAL B 3 22.61 -12.39 0.11
C VAL B 3 21.97 -12.02 1.45
N ASN B 4 21.67 -10.74 1.62
CA ASN B 4 21.03 -10.24 2.86
C ASN B 4 21.82 -10.66 4.10
N SER B 5 23.14 -10.55 4.03
N SER B 5 23.15 -10.54 4.03
CA SER B 5 24.00 -10.92 5.15
CA SER B 5 24.03 -10.93 5.15
C SER B 5 24.36 -9.68 5.95
C SER B 5 24.38 -9.70 5.98
N PHE B 6 23.37 -9.22 6.70
CA PHE B 6 23.51 -8.04 7.56
C PHE B 6 24.24 -8.44 8.84
N SER B 7 25.23 -7.60 9.22
N SER B 7 25.24 -7.67 9.25
CA SER B 7 26.05 -7.87 10.39
CA SER B 7 25.96 -7.96 10.49
C SER B 7 26.39 -6.55 11.08
C SER B 7 26.35 -6.67 11.22
N GLY B 8 26.50 -6.63 12.42
N GLY B 8 26.36 -6.77 12.55
CA GLY B 8 26.85 -5.47 13.20
CA GLY B 8 26.78 -5.66 13.41
C GLY B 8 25.71 -4.52 13.46
C GLY B 8 25.70 -4.62 13.60
N TYR B 9 24.46 -4.97 13.31
CA TYR B 9 23.33 -4.05 13.55
C TYR B 9 22.84 -4.14 14.98
N LEU B 10 22.41 -2.99 15.49
CA LEU B 10 21.79 -2.86 16.80
C LEU B 10 20.28 -2.96 16.62
N LYS B 11 19.68 -3.79 17.44
N LYS B 11 19.67 -3.85 17.41
CA LYS B 11 18.25 -4.02 17.38
CA LYS B 11 18.22 -4.04 17.38
C LYS B 11 17.53 -2.90 18.11
C LYS B 11 17.54 -2.90 18.11
N LEU B 12 16.60 -2.22 17.43
CA LEU B 12 15.76 -1.20 18.07
C LEU B 12 14.39 -1.74 18.42
N THR B 13 13.77 -2.46 17.48
CA THR B 13 12.51 -3.16 17.70
C THR B 13 12.67 -4.54 17.08
N ASP B 14 11.61 -5.35 17.15
CA ASP B 14 11.68 -6.69 16.58
C ASP B 14 11.97 -6.67 15.08
N ASN B 15 11.71 -5.55 14.37
CA ASN B 15 11.93 -5.52 12.93
C ASN B 15 12.78 -4.35 12.43
N VAL B 16 13.25 -3.47 13.31
CA VAL B 16 14.06 -2.31 12.90
C VAL B 16 15.43 -2.40 13.55
N TYR B 17 16.47 -2.36 12.71
CA TYR B 17 17.86 -2.50 13.10
C TYR B 17 18.63 -1.30 12.57
N ILE B 18 19.75 -0.96 13.21
CA ILE B 18 20.48 0.27 12.85
C ILE B 18 21.98 0.04 12.99
N LYS B 19 22.76 0.68 12.12
CA LYS B 19 24.20 0.54 12.10
C LYS B 19 24.82 1.86 11.65
N ASN B 20 25.99 2.18 12.22
CA ASN B 20 26.79 3.31 11.75
C ASN B 20 27.61 2.81 10.57
N ALA B 21 27.20 3.19 9.34
CA ALA B 21 27.76 2.60 8.13
C ALA B 21 27.46 3.49 6.93
N ASP B 22 28.33 3.42 5.92
CA ASP B 22 28.15 4.01 4.60
C ASP B 22 27.26 3.04 3.80
N ILE B 23 26.07 3.49 3.38
CA ILE B 23 25.09 2.60 2.77
C ILE B 23 25.60 1.96 1.48
N VAL B 24 26.47 2.65 0.74
CA VAL B 24 27.06 2.05 -0.46
C VAL B 24 27.98 0.90 -0.10
N GLU B 25 28.89 1.14 0.84
CA GLU B 25 29.78 0.08 1.32
C GLU B 25 28.98 -1.07 1.91
N GLU B 26 27.92 -0.75 2.66
CA GLU B 26 27.07 -1.79 3.23
C GLU B 26 26.41 -2.61 2.13
N ALA B 27 25.85 -1.93 1.12
CA ALA B 27 25.20 -2.65 0.04
C ALA B 27 26.16 -3.63 -0.63
N LYS B 28 27.40 -3.19 -0.88
CA LYS B 28 28.34 -4.07 -1.57
C LYS B 28 28.73 -5.27 -0.72
N LYS B 29 28.67 -5.12 0.59
N LYS B 29 28.75 -5.12 0.61
CA LYS B 29 29.05 -6.21 1.47
CA LYS B 29 29.08 -6.21 1.54
C LYS B 29 27.89 -7.15 1.80
C LYS B 29 27.90 -7.15 1.77
N VAL B 30 26.71 -6.57 2.04
CA VAL B 30 25.54 -7.34 2.48
C VAL B 30 24.88 -8.05 1.34
N LYS B 31 25.00 -7.53 0.12
N LYS B 31 25.01 -7.51 0.14
CA LYS B 31 24.31 -8.02 -1.05
CA LYS B 31 24.34 -8.05 -1.04
C LYS B 31 22.80 -8.13 -0.82
C LYS B 31 22.83 -8.14 -0.78
N PRO B 32 22.14 -7.01 -0.51
CA PRO B 32 20.71 -7.07 -0.19
C PRO B 32 19.85 -7.28 -1.43
N THR B 33 18.70 -7.94 -1.22
CA THR B 33 17.67 -7.98 -2.26
C THR B 33 17.22 -6.58 -2.63
N VAL B 34 17.06 -5.70 -1.63
CA VAL B 34 16.54 -4.35 -1.86
C VAL B 34 17.40 -3.33 -1.13
N VAL B 35 17.87 -2.32 -1.86
CA VAL B 35 18.42 -1.10 -1.27
C VAL B 35 17.45 0.03 -1.56
N VAL B 36 17.15 0.83 -0.54
CA VAL B 36 16.26 1.98 -0.69
C VAL B 36 17.06 3.21 -1.06
N ASN B 37 16.61 3.92 -2.10
CA ASN B 37 17.12 5.23 -2.44
C ASN B 37 16.21 6.33 -1.88
N ALA B 38 16.85 7.38 -1.37
CA ALA B 38 16.18 8.61 -0.97
C ALA B 38 15.97 9.46 -2.22
N ALA B 39 14.92 9.14 -2.96
CA ALA B 39 14.64 9.67 -4.28
C ALA B 39 13.81 10.95 -4.21
N ASN B 40 13.75 11.64 -5.35
CA ASN B 40 12.80 12.70 -5.61
C ASN B 40 11.88 12.29 -6.76
N VAL B 41 10.84 13.07 -7.02
CA VAL B 41 9.76 12.62 -7.92
C VAL B 41 10.24 12.42 -9.35
N TYR B 42 11.28 13.14 -9.78
CA TYR B 42 11.82 12.98 -11.13
C TYR B 42 13.05 12.08 -11.17
N LEU B 43 13.36 11.39 -10.07
CA LEU B 43 14.49 10.46 -10.02
C LEU B 43 15.77 11.11 -10.55
N LYS B 44 16.02 12.34 -10.12
CA LYS B 44 17.26 13.07 -10.44
C LYS B 44 18.18 12.89 -9.23
N HIS B 45 19.17 12.02 -9.39
CA HIS B 45 19.99 11.53 -8.27
C HIS B 45 21.23 12.43 -8.08
N GLY B 46 21.00 13.62 -7.55
CA GLY B 46 22.08 14.60 -7.47
C GLY B 46 22.96 14.56 -6.22
N GLY B 47 22.32 14.55 -5.07
CA GLY B 47 22.99 14.80 -3.80
C GLY B 47 22.66 13.71 -2.78
N GLY B 48 23.33 13.79 -1.63
CA GLY B 48 23.03 12.89 -0.54
C GLY B 48 23.12 11.44 -0.95
N VAL B 49 22.20 10.63 -0.41
CA VAL B 49 22.19 9.20 -0.67
C VAL B 49 22.04 8.92 -2.17
N ALA B 50 21.11 9.61 -2.83
CA ALA B 50 20.86 9.30 -4.23
C ALA B 50 22.09 9.56 -5.08
N GLY B 51 22.79 10.66 -4.83
CA GLY B 51 24.01 10.93 -5.59
C GLY B 51 25.08 9.87 -5.35
N ALA B 52 25.20 9.39 -4.11
CA ALA B 52 26.19 8.36 -3.79
C ALA B 52 25.83 7.03 -4.45
N LEU B 53 24.56 6.62 -4.38
CA LEU B 53 24.17 5.36 -5.02
C LEU B 53 24.37 5.44 -6.52
N ASN B 54 23.96 6.55 -7.14
CA ASN B 54 24.11 6.66 -8.59
C ASN B 54 25.58 6.64 -8.99
N LYS B 55 26.43 7.36 -8.26
CA LYS B 55 27.86 7.35 -8.56
C LYS B 55 28.44 5.94 -8.48
N ALA B 56 28.01 5.16 -7.49
CA ALA B 56 28.54 3.80 -7.36
C ALA B 56 28.16 2.95 -8.56
N THR B 57 27.02 3.24 -9.20
CA THR B 57 26.61 2.54 -10.43
C THR B 57 27.22 3.13 -11.69
N ASN B 58 28.15 4.07 -11.56
CA ASN B 58 28.75 4.71 -12.73
C ASN B 58 27.68 5.31 -13.64
N ASN B 59 26.66 5.93 -13.02
CA ASN B 59 25.58 6.65 -13.68
C ASN B 59 24.55 5.75 -14.36
N ALA B 60 24.70 4.42 -14.27
CA ALA B 60 23.69 3.54 -14.87
C ALA B 60 22.32 3.73 -14.23
N MET B 61 22.28 3.99 -12.92
CA MET B 61 21.01 4.25 -12.25
C MET B 61 20.30 5.46 -12.85
N GLN B 62 21.05 6.53 -13.12
CA GLN B 62 20.43 7.74 -13.67
C GLN B 62 19.90 7.49 -15.10
N VAL B 63 20.65 6.76 -15.92
CA VAL B 63 20.19 6.47 -17.28
C VAL B 63 18.90 5.67 -17.23
N GLU B 64 18.87 4.64 -16.39
CA GLU B 64 17.67 3.81 -16.23
C GLU B 64 16.50 4.64 -15.70
N SER B 65 16.79 5.53 -14.74
CA SER B 65 15.76 6.37 -14.14
C SER B 65 15.14 7.33 -15.14
N ASP B 66 15.98 7.97 -15.97
CA ASP B 66 15.44 8.88 -16.99
C ASP B 66 14.52 8.15 -17.97
N ASP B 67 14.88 6.92 -18.33
CA ASP B 67 14.01 6.13 -19.20
C ASP B 67 12.69 5.79 -18.50
N TYR B 68 12.76 5.42 -17.21
CA TYR B 68 11.54 5.17 -16.44
C TYR B 68 10.63 6.39 -16.44
N ILE B 69 11.20 7.59 -16.26
CA ILE B 69 10.40 8.82 -16.21
C ILE B 69 9.79 9.12 -17.56
N ALA B 70 10.55 8.90 -18.64
CA ALA B 70 10.01 9.13 -19.97
C ALA B 70 8.76 8.27 -20.21
N THR B 71 8.78 7.04 -19.73
CA THR B 71 7.66 6.11 -19.94
C THR B 71 6.49 6.36 -18.99
N ASN B 72 6.78 6.70 -17.73
CA ASN B 72 5.78 6.68 -16.66
C ASN B 72 5.46 8.03 -16.05
N GLY B 73 6.27 9.06 -16.29
CA GLY B 73 6.09 10.32 -15.60
C GLY B 73 6.61 10.27 -14.18
N PRO B 74 6.54 11.42 -13.50
CA PRO B 74 7.09 11.51 -12.15
C PRO B 74 6.30 10.71 -11.14
N LEU B 75 6.99 10.32 -10.06
CA LEU B 75 6.37 9.70 -8.91
C LEU B 75 5.57 10.75 -8.13
N LYS B 76 4.76 10.28 -7.17
CA LYS B 76 4.12 11.12 -6.17
C LYS B 76 5.02 11.22 -4.95
N VAL B 77 5.02 12.38 -4.26
CA VAL B 77 5.63 12.43 -2.93
C VAL B 77 4.89 11.43 -2.05
N GLY B 78 5.65 10.55 -1.38
CA GLY B 78 5.10 9.45 -0.63
C GLY B 78 5.07 8.15 -1.39
N GLY B 79 5.33 8.18 -2.69
CA GLY B 79 5.32 7.00 -3.53
C GLY B 79 6.70 6.40 -3.78
N SER B 80 6.72 5.36 -4.61
CA SER B 80 7.94 4.62 -4.90
C SER B 80 7.85 3.90 -6.24
N CYS B 81 9.02 3.46 -6.72
CA CYS B 81 9.09 2.51 -7.82
C CYS B 81 10.27 1.59 -7.60
N VAL B 82 10.17 0.39 -8.14
CA VAL B 82 11.24 -0.61 -8.11
C VAL B 82 11.99 -0.60 -9.43
N LEU B 83 13.30 -0.40 -9.36
CA LEU B 83 14.18 -0.48 -10.53
C LEU B 83 15.34 -1.41 -10.20
N SER B 84 16.28 -1.55 -11.13
CA SER B 84 17.43 -2.42 -10.88
C SER B 84 18.29 -1.86 -9.74
N GLY B 85 18.94 -2.78 -9.02
CA GLY B 85 19.95 -2.43 -8.03
C GLY B 85 21.37 -2.41 -8.56
N HIS B 86 21.60 -2.72 -9.84
CA HIS B 86 22.93 -2.57 -10.48
C HIS B 86 23.96 -3.36 -9.67
N ASN B 87 25.08 -2.74 -9.28
CA ASN B 87 26.12 -3.40 -8.50
C ASN B 87 25.91 -3.30 -7.00
N LEU B 88 24.73 -2.83 -6.57
CA LEU B 88 24.43 -2.62 -5.15
C LEU B 88 23.47 -3.63 -4.56
N ALA B 89 22.52 -4.13 -5.34
CA ALA B 89 21.43 -4.93 -4.81
C ALA B 89 20.72 -5.56 -5.99
N LYS B 90 19.85 -6.54 -5.72
CA LYS B 90 19.00 -7.03 -6.80
C LYS B 90 18.11 -5.90 -7.33
N HIS B 91 17.47 -5.16 -6.42
CA HIS B 91 16.55 -4.07 -6.76
C HIS B 91 16.91 -2.83 -5.96
N CYS B 92 16.62 -1.68 -6.56
CA CYS B 92 16.57 -0.42 -5.81
C CYS B 92 15.12 0.04 -5.71
N LEU B 93 14.65 0.21 -4.49
CA LEU B 93 13.35 0.82 -4.22
C LEU B 93 13.56 2.32 -4.06
N HIS B 94 13.16 3.08 -5.08
CA HIS B 94 13.24 4.54 -5.05
C HIS B 94 12.02 5.06 -4.31
N VAL B 95 12.20 5.63 -3.12
CA VAL B 95 11.10 6.11 -2.27
C VAL B 95 11.22 7.61 -2.11
N VAL B 96 10.11 8.32 -2.34
CA VAL B 96 10.10 9.79 -2.23
C VAL B 96 9.52 10.19 -0.88
N GLY B 97 10.37 10.58 0.06
CA GLY B 97 9.92 11.23 1.27
C GLY B 97 9.73 12.72 1.01
N PRO B 98 8.92 13.37 1.85
CA PRO B 98 8.77 14.83 1.72
C PRO B 98 10.10 15.55 2.00
N ASN B 99 10.38 16.56 1.18
CA ASN B 99 11.57 17.41 1.35
C ASN B 99 11.14 18.69 2.07
N VAL B 100 11.39 18.75 3.38
CA VAL B 100 11.02 19.92 4.20
C VAL B 100 11.80 21.15 3.75
N ASN B 101 13.02 20.97 3.21
CA ASN B 101 13.79 22.10 2.67
C ASN B 101 13.13 22.68 1.42
N LYS B 102 12.10 21.99 0.90
N LYS B 102 12.17 21.99 0.83
CA LYS B 102 11.31 22.49 -0.22
CA LYS B 102 11.38 22.53 -0.28
C LYS B 102 9.85 22.76 0.17
C LYS B 102 9.95 22.84 0.15
N GLY B 103 9.55 22.80 1.46
N GLY B 103 9.67 22.76 1.45
CA GLY B 103 8.22 23.13 1.91
CA GLY B 103 8.38 23.11 2.02
C GLY B 103 7.23 22.01 1.81
C GLY B 103 7.32 22.03 1.92
N GLU B 104 7.70 20.77 1.70
CA GLU B 104 6.75 19.68 1.52
C GLU B 104 6.25 19.20 2.87
N ASP B 105 5.05 18.60 2.86
N ASP B 105 5.05 18.62 2.90
CA ASP B 105 4.38 18.28 4.12
CA ASP B 105 4.40 18.31 4.17
C ASP B 105 5.05 17.06 4.77
C ASP B 105 5.05 17.08 4.79
N ILE B 106 5.73 17.28 5.92
CA ILE B 106 6.31 16.20 6.72
C ILE B 106 5.29 15.10 7.01
N GLN B 107 3.99 15.43 7.01
CA GLN B 107 2.96 14.41 7.24
C GLN B 107 3.01 13.28 6.21
N LEU B 108 3.56 13.51 5.01
CA LEU B 108 3.67 12.47 3.97
C LEU B 108 4.73 11.44 4.26
N LEU B 109 5.50 11.61 5.32
CA LEU B 109 6.57 10.69 5.64
C LEU B 109 6.03 9.30 5.99
N LYS B 110 4.86 9.21 6.65
CA LYS B 110 4.30 7.89 6.96
C LYS B 110 3.97 7.15 5.68
N SER B 111 3.31 7.82 4.73
CA SER B 111 3.02 7.19 3.43
C SER B 111 4.29 6.70 2.76
N ALA B 112 5.36 7.50 2.82
CA ALA B 112 6.63 7.09 2.21
C ALA B 112 7.14 5.79 2.84
N TYR B 113 7.14 5.71 4.18
CA TYR B 113 7.62 4.51 4.85
C TYR B 113 6.73 3.30 4.58
N GLU B 114 5.44 3.49 4.30
CA GLU B 114 4.57 2.35 4.02
C GLU B 114 5.08 1.55 2.82
N ASN B 115 5.78 2.20 1.88
CA ASN B 115 6.33 1.45 0.75
C ASN B 115 7.25 0.33 1.20
N PHE B 116 7.94 0.49 2.33
CA PHE B 116 8.86 -0.53 2.79
C PHE B 116 8.12 -1.83 3.10
N ASN B 117 6.83 -1.77 3.48
CA ASN B 117 6.09 -2.98 3.85
C ASN B 117 5.84 -3.92 2.69
N GLN B 118 6.09 -3.49 1.46
CA GLN B 118 5.98 -4.37 0.29
C GLN B 118 7.21 -5.25 0.06
N HIS B 119 8.21 -5.20 0.94
CA HIS B 119 9.46 -5.95 0.81
C HIS B 119 9.81 -6.58 2.14
N GLU B 120 10.14 -7.86 2.15
N GLU B 120 10.14 -7.87 2.13
CA GLU B 120 10.34 -8.55 3.42
CA GLU B 120 10.35 -8.58 3.40
C GLU B 120 11.57 -8.08 4.16
C GLU B 120 11.57 -8.09 4.15
N VAL B 121 12.61 -7.66 3.43
CA VAL B 121 13.85 -7.17 4.05
C VAL B 121 14.45 -6.11 3.15
N LEU B 122 14.94 -5.01 3.75
CA LEU B 122 15.51 -3.86 3.03
C LEU B 122 16.71 -3.29 3.77
N LEU B 123 17.70 -2.82 3.00
CA LEU B 123 18.74 -1.92 3.47
C LEU B 123 18.30 -0.50 3.11
N ALA B 124 18.27 0.41 4.08
CA ALA B 124 17.66 1.72 3.86
C ALA B 124 18.35 2.85 4.61
N PRO B 125 18.24 4.08 4.08
CA PRO B 125 18.53 5.29 4.84
C PRO B 125 17.25 5.75 5.56
N LEU B 126 17.42 6.69 6.50
CA LEU B 126 16.28 7.38 7.10
C LEU B 126 15.66 8.33 6.09
N LEU B 127 14.37 8.15 5.80
CA LEU B 127 13.71 8.94 4.79
C LEU B 127 13.52 10.38 5.29
N SER B 128 13.63 11.32 4.36
CA SER B 128 13.46 12.75 4.57
C SER B 128 14.55 13.35 5.46
N ALA B 129 15.58 12.58 5.84
CA ALA B 129 16.68 13.09 6.64
C ALA B 129 17.69 13.83 5.75
N GLY B 130 18.73 14.37 6.39
CA GLY B 130 19.85 14.97 5.68
C GLY B 130 19.41 16.12 4.81
N ILE B 131 19.74 16.04 3.52
CA ILE B 131 19.49 17.15 2.61
C ILE B 131 17.99 17.38 2.41
N PHE B 132 17.13 16.44 2.83
CA PHE B 132 15.68 16.62 2.75
C PHE B 132 15.12 17.40 3.93
N GLY B 133 15.89 17.62 5.01
CA GLY B 133 15.57 18.61 6.02
C GLY B 133 14.70 18.19 7.20
N ALA B 134 14.19 16.96 7.24
CA ALA B 134 13.42 16.56 8.41
C ALA B 134 14.34 16.21 9.58
N ASP B 135 13.78 16.24 10.78
CA ASP B 135 14.49 15.78 11.97
C ASP B 135 14.71 14.28 11.86
N PRO B 136 15.97 13.79 11.85
CA PRO B 136 16.18 12.34 11.76
C PRO B 136 15.58 11.57 12.93
N ILE B 137 15.47 12.19 14.12
CA ILE B 137 14.84 11.52 15.26
C ILE B 137 13.37 11.25 14.95
N HIS B 138 12.70 12.22 14.32
CA HIS B 138 11.33 12.01 13.88
C HIS B 138 11.24 10.96 12.79
N SER B 139 12.20 10.94 11.86
CA SER B 139 12.14 9.96 10.79
C SER B 139 12.25 8.55 11.35
N LEU B 140 13.12 8.37 12.35
CA LEU B 140 13.25 7.06 12.98
C LEU B 140 11.96 6.67 13.69
N ARG B 141 11.35 7.64 14.37
CA ARG B 141 10.04 7.44 15.03
C ARG B 141 9.01 6.92 14.03
N VAL B 142 8.86 7.60 12.91
CA VAL B 142 7.87 7.20 11.91
C VAL B 142 8.24 5.83 11.33
N CYS B 143 9.52 5.58 11.09
CA CYS B 143 9.96 4.28 10.60
C CYS B 143 9.50 3.16 11.54
N VAL B 144 9.81 3.30 12.83
CA VAL B 144 9.48 2.25 13.79
C VAL B 144 7.97 2.06 13.92
N ASP B 145 7.21 3.14 13.81
CA ASP B 145 5.76 3.08 13.99
C ASP B 145 5.03 2.70 12.70
N THR B 146 5.72 2.56 11.58
CA THR B 146 5.08 2.29 10.29
C THR B 146 5.57 1.01 9.63
N VAL B 147 6.89 0.76 9.65
CA VAL B 147 7.44 -0.38 8.94
C VAL B 147 7.28 -1.62 9.82
N ARG B 148 6.76 -2.70 9.23
CA ARG B 148 6.61 -3.97 9.91
C ARG B 148 7.52 -5.06 9.35
N THR B 149 8.03 -4.88 8.12
CA THR B 149 9.01 -5.79 7.54
C THR B 149 10.39 -5.44 8.10
N ASN B 150 11.40 -6.24 7.73
CA ASN B 150 12.72 -6.13 8.35
C ASN B 150 13.54 -5.05 7.66
N VAL B 151 13.81 -3.95 8.37
CA VAL B 151 14.52 -2.82 7.81
C VAL B 151 15.81 -2.62 8.57
N TYR B 152 16.92 -2.57 7.82
CA TYR B 152 18.28 -2.37 8.29
C TYR B 152 18.71 -0.96 7.86
N LEU B 153 18.78 -0.05 8.84
CA LEU B 153 19.08 1.36 8.61
C LEU B 153 20.58 1.62 8.71
N ALA B 154 21.12 2.29 7.70
CA ALA B 154 22.51 2.72 7.67
C ALA B 154 22.59 4.22 7.91
N VAL B 155 23.32 4.62 8.94
CA VAL B 155 23.52 6.01 9.31
C VAL B 155 25.02 6.30 9.20
N PHE B 156 25.37 7.22 8.30
CA PHE B 156 26.77 7.47 7.98
C PHE B 156 27.55 8.12 9.13
N ASP B 157 27.00 9.17 9.71
CA ASP B 157 27.75 9.94 10.71
C ASP B 157 27.60 9.29 12.09
N LYS B 158 28.73 8.91 12.66
N LYS B 158 28.74 8.86 12.70
CA LYS B 158 28.73 8.29 13.99
CA LYS B 158 28.73 8.26 14.04
C LYS B 158 28.02 9.15 15.02
C LYS B 158 28.02 9.15 15.06
N ASN B 159 28.19 10.47 14.96
CA ASN B 159 27.58 11.36 15.95
C ASN B 159 26.05 11.41 15.79
N LEU B 160 25.54 11.32 14.57
CA LEU B 160 24.08 11.21 14.39
C LEU B 160 23.58 9.84 14.82
N TYR B 161 24.33 8.78 14.51
CA TYR B 161 23.99 7.45 14.99
C TYR B 161 23.82 7.45 16.51
N ASP B 162 24.79 8.02 17.22
CA ASP B 162 24.73 8.05 18.67
C ASP B 162 23.51 8.84 19.17
N LYS B 163 23.23 9.98 18.53
CA LYS B 163 22.06 10.77 18.90
C LYS B 163 20.77 9.97 18.71
N LEU B 164 20.68 9.21 17.61
CA LEU B 164 19.49 8.43 17.31
C LEU B 164 19.32 7.29 18.30
N VAL B 165 20.40 6.54 18.55
CA VAL B 165 20.31 5.38 19.45
C VAL B 165 20.08 5.84 20.88
N SER B 166 20.85 6.83 21.32
CA SER B 166 20.83 7.24 22.72
C SER B 166 19.47 7.83 23.10
N SER B 167 18.77 8.45 22.14
CA SER B 167 17.47 9.06 22.40
C SER B 167 16.27 8.17 22.06
N PHE B 168 16.48 7.00 21.44
CA PHE B 168 15.36 6.15 21.04
C PHE B 168 14.63 5.62 22.27
N LEU B 169 15.39 5.31 23.32
CA LEU B 169 14.86 4.75 24.57
C LEU B 169 15.61 5.24 25.79
#